data_6SPQ
#
_entry.id   6SPQ
#
_cell.length_a   78.420
_cell.length_b   45.130
_cell.length_c   86.150
_cell.angle_alpha   90.000
_cell.angle_beta   107.490
_cell.angle_gamma   90.000
#
_symmetry.space_group_name_H-M   'P 1 21 1'
#
loop_
_entity.id
_entity.type
_entity.pdbx_description
1 polymer 'Methionine--tRNA ligase'
2 non-polymer 'ZINC ION'
3 non-polymer METHIONINE
4 non-polymer 'CITRIC ACID'
5 non-polymer GLYCEROL
6 water water
#
_entity_poly.entity_id   1
_entity_poly.type   'polypeptide(L)'
_entity_poly.pdbx_seq_one_letter_code
;MGSSHHHHHHSSGLVPRGSHSTQVAKKILVTCALPYANGSIHLGHMLEHIQADVWVRYQRMRGHEVNFICADDAHGTPIM
LKAQQLGITPEQMIGEMSQEHQTDFAGFNISYDNYHSTHSEENRQLSELIYSRLKENGFIKNRTISQLYDPEKGMFLPDR
FVKGTCPKCKSPDQYGDNCEVCGATYSPTELIEPKSVVSGATPVMRDSEHFFFDLPSFSEMLQAWTRSGALQEQVANKMQ
EWFESGLQQWDISRDAPYFGFEIPNAPGKYFYVWLDAPIGYMGSFKNLCDKRGDSVSFDEYWKKDSTAELYHFIGKDIIY
FHSLFWPAMLEGSNFRKPSNLFVHGYVTVNGAKMSKSRGTFIKASTWLNHFDADSLRYYYTAKLSSRIDDIDLNLEDFVQ
RVNADIVNKVVNLASRNAGFINKRFDGVLASELADPQLYKTFTDAAEVIGEAWESREFGKAVREIMALADLANRYVDEQA
PWVVAKQEGRDADLQAICSMGINLFRVLMTYLKPVLPKLTERAEAFLNTELTWDGIQQPLLGHKVNPFKALYNRIDMRQV
EALVEASK
;
_entity_poly.pdbx_strand_id   A
#
loop_
_chem_comp.id
_chem_comp.type
_chem_comp.name
_chem_comp.formula
CIT non-polymer 'CITRIC ACID' 'C6 H8 O7'
GOL non-polymer GLYCEROL 'C3 H8 O3'
ZN non-polymer 'ZINC ION' 'Zn 2'
#
# COMPACT_ATOMS: atom_id res chain seq x y z
N ALA A 25 -8.11 -1.98 -23.89
CA ALA A 25 -7.92 -2.61 -22.56
C ALA A 25 -6.45 -2.65 -22.18
N LYS A 26 -6.15 -1.96 -21.09
CA LYS A 26 -4.78 -1.85 -20.64
C LYS A 26 -4.36 -3.12 -19.90
N LYS A 27 -3.06 -3.36 -19.90
CA LYS A 27 -2.44 -4.37 -19.04
C LYS A 27 -1.65 -3.62 -17.99
N ILE A 28 -1.96 -3.86 -16.72
CA ILE A 28 -1.45 -3.10 -15.59
C ILE A 28 -0.93 -4.05 -14.54
N LEU A 29 0.30 -3.79 -14.09
CA LEU A 29 0.89 -4.51 -12.96
C LEU A 29 1.11 -3.49 -11.85
N VAL A 30 0.48 -3.73 -10.71
CA VAL A 30 0.51 -2.84 -9.56
C VAL A 30 1.11 -3.59 -8.39
N THR A 31 2.03 -2.95 -7.67
CA THR A 31 2.57 -3.53 -6.45
C THR A 31 2.35 -2.58 -5.27
N CYS A 32 2.40 -3.15 -4.07
CA CYS A 32 2.69 -2.44 -2.84
C CYS A 32 4.06 -2.85 -2.34
N ALA A 33 4.66 -2.01 -1.52
CA ALA A 33 5.95 -2.37 -0.92
C ALA A 33 5.83 -3.68 -0.14
N LEU A 34 6.91 -4.43 -0.12
CA LEU A 34 6.92 -5.76 0.46
C LEU A 34 7.16 -5.65 1.96
N PRO A 35 6.21 -6.04 2.81
CA PRO A 35 6.42 -5.86 4.26
C PRO A 35 7.53 -6.75 4.78
N TYR A 36 8.32 -6.23 5.71
CA TYR A 36 9.32 -7.07 6.34
C TYR A 36 8.68 -8.18 7.16
N ALA A 37 9.28 -9.35 7.11
CA ALA A 37 8.81 -10.51 7.82
C ALA A 37 9.12 -10.51 9.31
N ASN A 38 9.69 -9.45 9.87
CA ASN A 38 9.98 -9.49 11.30
C ASN A 38 9.09 -8.57 12.13
N GLY A 39 7.90 -8.23 11.63
CA GLY A 39 6.97 -7.44 12.41
C GLY A 39 5.57 -7.60 11.85
N SER A 40 4.59 -7.33 12.71
CA SER A 40 3.19 -7.45 12.33
C SER A 40 2.73 -6.23 11.50
N ILE A 41 1.68 -6.47 10.71
CA ILE A 41 1.09 -5.39 9.92
C ILE A 41 0.41 -4.39 10.85
N HIS A 42 0.63 -3.11 10.59
CA HIS A 42 0.01 -2.06 11.40
C HIS A 42 -0.71 -1.06 10.50
N LEU A 43 -1.31 -0.05 11.11
CA LEU A 43 -2.12 0.90 10.35
C LEU A 43 -1.33 1.65 9.29
N GLY A 44 -0.01 1.80 9.47
CA GLY A 44 0.80 2.41 8.41
C GLY A 44 0.87 1.56 7.15
N HIS A 45 1.12 0.26 7.30
CA HIS A 45 1.02 -0.63 6.14
C HIS A 45 -0.35 -0.50 5.52
N MET A 46 -1.39 -0.45 6.37
CA MET A 46 -2.75 -0.53 5.81
C MET A 46 -3.09 0.69 4.96
N LEU A 47 -2.56 1.87 5.30
CA LEU A 47 -2.77 3.03 4.44
C LEU A 47 -2.34 2.71 3.00
N GLU A 48 -1.16 2.12 2.84
CA GLU A 48 -0.62 1.84 1.53
C GLU A 48 -1.42 0.77 0.80
N HIS A 49 -1.72 -0.34 1.49
CA HIS A 49 -2.39 -1.44 0.84
C HIS A 49 -3.84 -1.10 0.49
N ILE A 50 -4.50 -0.30 1.33
CA ILE A 50 -5.84 0.19 1.02
C ILE A 50 -5.80 1.15 -0.16
N GLN A 51 -4.85 2.09 -0.17
CA GLN A 51 -4.76 3.01 -1.29
C GLN A 51 -4.62 2.25 -2.61
N ALA A 52 -3.68 1.32 -2.66
CA ALA A 52 -3.48 0.55 -3.86
C ALA A 52 -4.71 -0.28 -4.22
N ASP A 53 -5.35 -0.89 -3.20
CA ASP A 53 -6.48 -1.76 -3.49
C ASP A 53 -7.66 -0.97 -4.07
N VAL A 54 -7.93 0.23 -3.53
CA VAL A 54 -8.99 1.06 -4.11
C VAL A 54 -8.69 1.34 -5.59
N TRP A 55 -7.43 1.70 -5.89
CA TRP A 55 -7.05 2.02 -7.27
C TRP A 55 -7.20 0.80 -8.16
N VAL A 56 -6.73 -0.35 -7.68
CA VAL A 56 -6.80 -1.59 -8.41
C VAL A 56 -8.24 -1.98 -8.70
N ARG A 57 -9.10 -1.90 -7.67
CA ARG A 57 -10.49 -2.27 -7.86
C ARG A 57 -11.17 -1.37 -8.88
N TYR A 58 -10.85 -0.09 -8.86
CA TYR A 58 -11.38 0.82 -9.87
C TYR A 58 -10.91 0.42 -11.27
N GLN A 59 -9.61 0.16 -11.42
CA GLN A 59 -9.09 -0.23 -12.74
C GLN A 59 -9.79 -1.51 -13.24
N ARG A 60 -10.03 -2.48 -12.36
CA ARG A 60 -10.76 -3.68 -12.77
C ARG A 60 -12.18 -3.34 -13.22
N MET A 61 -12.84 -2.43 -12.49
CA MET A 61 -14.19 -2.03 -12.87
C MET A 61 -14.25 -1.37 -14.24
N ARG A 62 -13.15 -0.78 -14.69
CA ARG A 62 -13.12 -0.17 -16.01
C ARG A 62 -12.65 -1.14 -17.10
N GLY A 63 -12.49 -2.42 -16.76
CA GLY A 63 -12.30 -3.44 -17.78
C GLY A 63 -10.86 -3.80 -18.11
N HIS A 64 -9.90 -3.28 -17.37
CA HIS A 64 -8.50 -3.52 -17.66
C HIS A 64 -8.04 -4.84 -17.08
N GLU A 65 -6.95 -5.36 -17.66
CA GLU A 65 -6.26 -6.53 -17.14
C GLU A 65 -5.32 -6.02 -16.06
N VAL A 66 -5.59 -6.39 -14.82
CA VAL A 66 -4.84 -5.87 -13.68
C VAL A 66 -4.21 -7.05 -12.96
N ASN A 67 -2.95 -6.89 -12.61
CA ASN A 67 -2.25 -7.84 -11.76
C ASN A 67 -1.71 -7.09 -10.54
N PHE A 68 -2.28 -7.39 -9.39
CA PHE A 68 -1.95 -6.74 -8.12
C PHE A 68 -1.07 -7.71 -7.33
N ILE A 69 0.20 -7.32 -7.12
CA ILE A 69 1.28 -8.22 -6.72
C ILE A 69 1.91 -7.70 -5.43
N CYS A 70 2.17 -8.61 -4.48
CA CYS A 70 2.96 -8.28 -3.30
C CYS A 70 3.68 -9.55 -2.82
N ALA A 71 4.33 -9.45 -1.67
CA ALA A 71 5.15 -10.51 -1.10
C ALA A 71 5.70 -9.99 0.21
N ASP A 72 6.11 -10.93 1.09
CA ASP A 72 6.90 -10.55 2.25
C ASP A 72 8.36 -10.38 1.85
N ASP A 73 9.02 -9.41 2.50
CA ASP A 73 10.45 -9.14 2.37
C ASP A 73 11.13 -9.91 3.50
N ALA A 74 11.78 -11.02 3.15
CA ALA A 74 12.08 -12.07 4.11
C ALA A 74 13.57 -12.23 4.45
N HIS A 75 14.44 -11.35 3.95
CA HIS A 75 15.87 -11.56 4.13
C HIS A 75 16.49 -10.52 5.08
N GLY A 76 17.72 -10.81 5.50
CA GLY A 76 18.57 -9.83 6.13
C GLY A 76 19.00 -10.22 7.54
N THR A 77 19.95 -9.44 8.06
CA THR A 77 20.53 -9.74 9.37
CA THR A 77 20.53 -9.76 9.37
C THR A 77 19.52 -9.68 10.51
N PRO A 78 18.62 -8.70 10.60
CA PRO A 78 17.65 -8.71 11.69
C PRO A 78 16.82 -9.99 11.74
N ILE A 79 16.41 -10.48 10.57
CA ILE A 79 15.58 -11.67 10.50
C ILE A 79 16.37 -12.90 10.91
N MET A 80 17.62 -13.00 10.46
CA MET A 80 18.47 -14.11 10.89
C MET A 80 18.63 -14.15 12.40
N LEU A 81 18.94 -12.99 12.99
CA LEU A 81 19.18 -12.96 14.43
C LEU A 81 17.89 -13.23 15.21
N LYS A 82 16.75 -12.74 14.72
CA LYS A 82 15.49 -12.98 15.45
C LYS A 82 15.16 -14.48 15.47
N ALA A 83 15.31 -15.15 14.32
CA ALA A 83 15.06 -16.59 14.30
C ALA A 83 15.99 -17.32 15.27
N GLN A 84 17.28 -16.95 15.29
CA GLN A 84 18.20 -17.57 16.23
C GLN A 84 17.77 -17.34 17.69
N GLN A 85 17.32 -16.13 18.01
N GLN A 85 17.29 -16.14 18.02
CA GLN A 85 16.87 -15.85 19.37
CA GLN A 85 16.88 -15.88 19.40
C GLN A 85 15.66 -16.71 19.74
C GLN A 85 15.61 -16.64 19.77
N LEU A 86 14.74 -16.91 18.80
CA LEU A 86 13.57 -17.73 19.03
C LEU A 86 13.87 -19.23 18.97
N GLY A 87 15.07 -19.61 18.51
CA GLY A 87 15.42 -21.01 18.44
C GLY A 87 14.75 -21.77 17.33
N ILE A 88 14.33 -21.08 16.26
CA ILE A 88 13.72 -21.71 15.10
C ILE A 88 14.48 -21.30 13.86
N THR A 89 14.25 -22.04 12.78
CA THR A 89 14.89 -21.66 11.53
C THR A 89 14.31 -20.34 11.03
N PRO A 90 15.11 -19.54 10.32
CA PRO A 90 14.52 -18.36 9.66
C PRO A 90 13.38 -18.76 8.76
N GLU A 91 13.48 -19.94 8.13
CA GLU A 91 12.42 -20.43 7.27
C GLU A 91 11.12 -20.62 8.04
N GLN A 92 11.21 -21.19 9.25
CA GLN A 92 9.99 -21.35 10.05
C GLN A 92 9.40 -20.00 10.40
N MET A 93 10.25 -19.07 10.86
CA MET A 93 9.76 -17.77 11.30
CA MET A 93 9.76 -17.77 11.30
C MET A 93 9.09 -17.02 10.16
N ILE A 94 9.76 -16.95 9.01
CA ILE A 94 9.18 -16.19 7.91
C ILE A 94 7.90 -16.83 7.41
N GLY A 95 7.80 -18.16 7.50
CA GLY A 95 6.57 -18.81 7.10
C GLY A 95 5.41 -18.42 8.00
N GLU A 96 5.65 -18.36 9.30
CA GLU A 96 4.61 -17.96 10.23
C GLU A 96 4.20 -16.52 10.00
N MET A 97 5.17 -15.63 9.78
CA MET A 97 4.80 -14.24 9.58
CA MET A 97 4.83 -14.23 9.57
C MET A 97 4.10 -14.03 8.24
N SER A 98 4.48 -14.80 7.22
CA SER A 98 3.77 -14.68 5.94
C SER A 98 2.29 -15.01 6.12
N GLN A 99 1.99 -16.07 6.85
CA GLN A 99 0.60 -16.43 7.11
C GLN A 99 -0.10 -15.34 7.91
N GLU A 100 0.56 -14.81 8.94
CA GLU A 100 -0.04 -13.75 9.73
C GLU A 100 -0.34 -12.53 8.86
N HIS A 101 0.62 -12.10 8.06
CA HIS A 101 0.41 -10.95 7.18
C HIS A 101 -0.75 -11.18 6.24
N GLN A 102 -0.79 -12.33 5.60
CA GLN A 102 -1.83 -12.56 4.60
C GLN A 102 -3.21 -12.68 5.23
N THR A 103 -3.29 -13.22 6.45
CA THR A 103 -4.56 -13.24 7.18
C THR A 103 -5.05 -11.82 7.43
N ASP A 104 -4.14 -10.93 7.86
CA ASP A 104 -4.54 -9.55 8.14
C ASP A 104 -4.95 -8.82 6.86
N PHE A 105 -4.16 -8.92 5.80
CA PHE A 105 -4.53 -8.26 4.55
C PHE A 105 -5.85 -8.81 4.00
N ALA A 106 -6.07 -10.13 4.14
CA ALA A 106 -7.34 -10.69 3.70
C ALA A 106 -8.50 -10.11 4.51
N GLY A 107 -8.26 -9.84 5.79
CA GLY A 107 -9.29 -9.27 6.63
C GLY A 107 -9.67 -7.86 6.21
N PHE A 108 -8.79 -7.16 5.49
CA PHE A 108 -9.09 -5.86 4.94
C PHE A 108 -9.47 -5.92 3.47
N ASN A 109 -9.67 -7.13 2.93
CA ASN A 109 -10.11 -7.31 1.55
C ASN A 109 -9.14 -6.67 0.55
N ILE A 110 -7.84 -6.83 0.81
CA ILE A 110 -6.83 -6.41 -0.16
C ILE A 110 -6.75 -7.49 -1.23
N SER A 111 -7.10 -7.14 -2.47
CA SER A 111 -7.40 -8.11 -3.53
C SER A 111 -6.19 -8.54 -4.35
N TYR A 112 -5.11 -8.99 -3.70
CA TYR A 112 -3.93 -9.39 -4.48
C TYR A 112 -4.28 -10.53 -5.43
N ASP A 113 -3.68 -10.47 -6.62
CA ASP A 113 -3.63 -11.62 -7.50
C ASP A 113 -2.54 -12.60 -7.11
N ASN A 114 -1.50 -12.13 -6.42
CA ASN A 114 -0.49 -13.03 -5.89
C ASN A 114 0.22 -12.36 -4.70
N TYR A 115 0.47 -13.15 -3.66
CA TYR A 115 1.27 -12.72 -2.52
C TYR A 115 2.34 -13.79 -2.30
N HIS A 116 3.59 -13.44 -2.60
CA HIS A 116 4.70 -14.41 -2.61
C HIS A 116 5.69 -14.07 -1.52
N SER A 117 6.98 -14.34 -1.77
CA SER A 117 8.04 -14.09 -0.82
C SER A 117 9.31 -13.73 -1.59
N THR A 118 10.12 -12.85 -1.00
CA THR A 118 11.45 -12.63 -1.58
C THR A 118 12.33 -13.85 -1.37
N HIS A 119 12.01 -14.72 -0.39
CA HIS A 119 12.72 -15.97 -0.20
C HIS A 119 12.02 -17.05 -1.02
N SER A 120 12.39 -17.10 -2.30
CA SER A 120 11.72 -17.99 -3.24
C SER A 120 12.69 -18.30 -4.37
N GLU A 121 12.43 -19.42 -5.04
CA GLU A 121 13.26 -19.81 -6.18
C GLU A 121 13.14 -18.80 -7.33
N GLU A 122 11.93 -18.24 -7.53
CA GLU A 122 11.78 -17.26 -8.60
C GLU A 122 12.67 -16.03 -8.32
N ASN A 123 12.62 -15.54 -7.09
CA ASN A 123 13.45 -14.39 -6.76
C ASN A 123 14.94 -14.71 -6.75
N ARG A 124 15.32 -15.93 -6.36
N ARG A 124 15.32 -15.93 -6.34
CA ARG A 124 16.73 -16.29 -6.42
CA ARG A 124 16.73 -16.31 -6.43
C ARG A 124 17.23 -16.28 -7.86
C ARG A 124 17.21 -16.25 -7.87
N GLN A 125 16.49 -16.90 -8.77
CA GLN A 125 16.92 -16.95 -10.16
C GLN A 125 16.94 -15.58 -10.79
N LEU A 126 15.94 -14.73 -10.49
CA LEU A 126 15.93 -13.40 -11.08
C LEU A 126 17.00 -12.50 -10.47
N SER A 127 17.28 -12.66 -9.18
CA SER A 127 18.34 -11.88 -8.56
C SER A 127 19.70 -12.25 -9.15
N GLU A 128 19.97 -13.55 -9.29
CA GLU A 128 21.21 -13.98 -9.94
C GLU A 128 21.30 -13.50 -11.38
N LEU A 129 20.19 -13.52 -12.12
CA LEU A 129 20.19 -13.08 -13.50
C LEU A 129 20.53 -11.60 -13.61
N ILE A 130 19.82 -10.78 -12.83
CA ILE A 130 20.05 -9.33 -12.88
C ILE A 130 21.48 -9.00 -12.45
N TYR A 131 21.96 -9.63 -11.38
CA TYR A 131 23.34 -9.38 -10.98
C TYR A 131 24.31 -9.78 -12.07
N SER A 132 24.10 -10.92 -12.70
CA SER A 132 25.02 -11.38 -13.72
CA SER A 132 25.01 -11.39 -13.73
C SER A 132 25.02 -10.44 -14.93
N ARG A 133 23.84 -9.91 -15.29
CA ARG A 133 23.79 -8.96 -16.40
C ARG A 133 24.45 -7.64 -16.04
N LEU A 134 24.23 -7.16 -14.82
CA LEU A 134 24.88 -5.93 -14.38
C LEU A 134 26.40 -6.09 -14.37
N LYS A 135 26.87 -7.26 -13.94
CA LYS A 135 28.30 -7.50 -13.89
C LYS A 135 28.89 -7.58 -15.29
N GLU A 136 28.24 -8.32 -16.19
CA GLU A 136 28.71 -8.43 -17.57
C GLU A 136 28.73 -7.08 -18.27
N ASN A 137 27.80 -6.19 -17.92
CA ASN A 137 27.70 -4.88 -18.53
C ASN A 137 28.59 -3.83 -17.88
N GLY A 138 29.39 -4.21 -16.88
CA GLY A 138 30.36 -3.31 -16.29
C GLY A 138 29.89 -2.48 -15.13
N PHE A 139 28.75 -2.81 -14.52
CA PHE A 139 28.17 -1.98 -13.48
C PHE A 139 28.41 -2.52 -12.07
N ILE A 140 29.27 -3.53 -11.90
CA ILE A 140 29.59 -4.08 -10.60
C ILE A 140 31.08 -3.90 -10.33
N LYS A 141 31.40 -3.29 -9.20
CA LYS A 141 32.78 -3.04 -8.80
C LYS A 141 33.07 -3.75 -7.47
N ASN A 142 34.33 -4.13 -7.27
CA ASN A 142 34.78 -4.79 -6.05
C ASN A 142 35.68 -3.85 -5.27
N ARG A 143 35.42 -3.67 -3.99
N ARG A 143 35.43 -3.68 -3.98
CA ARG A 143 36.24 -2.79 -3.16
CA ARG A 143 36.24 -2.79 -3.16
C ARG A 143 36.24 -3.31 -1.73
C ARG A 143 36.23 -3.28 -1.73
N THR A 144 37.38 -3.16 -1.07
CA THR A 144 37.50 -3.57 0.32
C THR A 144 37.10 -2.42 1.23
N ILE A 145 36.30 -2.76 2.25
CA ILE A 145 35.89 -1.81 3.27
C ILE A 145 36.29 -2.36 4.64
N SER A 146 36.27 -1.49 5.62
CA SER A 146 36.52 -1.83 7.01
C SER A 146 35.25 -1.62 7.81
N GLN A 147 34.92 -2.59 8.69
CA GLN A 147 33.68 -2.55 9.44
C GLN A 147 33.87 -3.25 10.79
N LEU A 148 33.12 -2.79 11.79
CA LEU A 148 33.14 -3.43 13.09
C LEU A 148 32.65 -4.87 12.99
N TYR A 149 33.35 -5.75 13.71
CA TYR A 149 33.20 -7.20 13.61
C TYR A 149 33.22 -7.78 15.00
N ASP A 150 32.26 -8.67 15.27
CA ASP A 150 32.17 -9.37 16.54
C ASP A 150 32.98 -10.66 16.41
N PRO A 151 34.15 -10.77 17.05
CA PRO A 151 34.99 -11.95 16.82
C PRO A 151 34.54 -13.18 17.57
N GLU A 152 33.66 -13.02 18.57
CA GLU A 152 33.13 -14.16 19.30
C GLU A 152 32.00 -14.81 18.52
N LYS A 153 30.99 -14.04 18.16
CA LYS A 153 29.94 -14.55 17.30
C LYS A 153 30.48 -14.92 15.93
N GLY A 154 31.44 -14.12 15.43
CA GLY A 154 31.99 -14.29 14.10
C GLY A 154 31.14 -13.65 13.03
N MET A 155 30.80 -12.37 13.18
CA MET A 155 29.98 -11.69 12.21
C MET A 155 30.24 -10.19 12.23
N PHE A 156 30.14 -9.59 11.05
CA PHE A 156 30.12 -8.14 10.95
C PHE A 156 28.85 -7.57 11.57
N LEU A 157 28.99 -6.42 12.21
CA LEU A 157 27.90 -5.79 12.94
C LEU A 157 27.38 -4.60 12.17
N PRO A 158 26.12 -4.61 11.73
CA PRO A 158 25.47 -3.35 11.37
C PRO A 158 25.52 -2.41 12.57
N ASP A 159 25.43 -1.10 12.27
CA ASP A 159 25.55 -0.08 13.31
C ASP A 159 24.62 -0.32 14.50
N ARG A 160 23.38 -0.73 14.27
CA ARG A 160 22.45 -0.84 15.38
C ARG A 160 22.71 -2.05 16.27
N PHE A 161 23.62 -2.93 15.89
CA PHE A 161 24.03 -4.04 16.75
C PHE A 161 25.35 -3.76 17.46
N VAL A 162 25.76 -2.51 17.51
CA VAL A 162 26.87 -2.07 18.35
C VAL A 162 26.31 -1.14 19.41
N LYS A 163 26.70 -1.35 20.65
CA LYS A 163 26.31 -0.45 21.73
C LYS A 163 27.56 -0.02 22.49
N GLY A 164 27.45 1.07 23.21
CA GLY A 164 28.58 1.57 23.96
C GLY A 164 28.26 2.87 24.63
N THR A 165 29.31 3.58 25.03
CA THR A 165 29.20 4.81 25.79
C THR A 165 29.41 6.01 24.87
N CYS A 166 28.48 6.96 24.94
CA CYS A 166 28.52 8.10 24.05
C CYS A 166 29.82 8.87 24.24
N PRO A 167 30.58 9.14 23.18
CA PRO A 167 31.87 9.83 23.35
C PRO A 167 31.72 11.27 23.79
N LYS A 168 30.55 11.88 23.59
CA LYS A 168 30.38 13.29 23.92
C LYS A 168 29.95 13.47 25.38
N CYS A 169 28.85 12.83 25.77
CA CYS A 169 28.31 13.03 27.10
C CYS A 169 28.63 11.90 28.07
N LYS A 170 29.18 10.79 27.60
CA LYS A 170 29.59 9.66 28.42
C LYS A 170 28.43 8.86 28.98
N SER A 171 27.23 9.01 28.40
CA SER A 171 26.10 8.18 28.80
C SER A 171 26.31 6.76 28.31
N PRO A 172 26.09 5.76 29.17
CA PRO A 172 26.28 4.36 28.76
C PRO A 172 25.09 3.83 27.98
N ASP A 173 25.29 2.65 27.39
CA ASP A 173 24.19 1.85 26.84
C ASP A 173 23.50 2.55 25.66
N GLN A 174 24.29 3.21 24.82
CA GLN A 174 23.79 3.84 23.61
C GLN A 174 24.06 2.93 22.42
N TYR A 175 23.15 2.97 21.45
CA TYR A 175 23.16 2.07 20.31
C TYR A 175 23.43 2.79 19.00
N GLY A 176 24.28 2.20 18.17
CA GLY A 176 24.43 2.71 16.83
C GLY A 176 25.14 4.05 16.79
N ASP A 177 24.67 4.90 15.87
CA ASP A 177 25.39 6.13 15.51
C ASP A 177 24.83 7.37 16.20
N ASN A 178 24.10 7.22 17.30
CA ASN A 178 23.51 8.37 17.95
C ASN A 178 23.21 8.09 19.41
N CYS A 179 23.25 9.15 20.20
CA CYS A 179 23.02 9.10 21.63
C CYS A 179 21.61 9.62 21.92
N GLU A 180 20.82 8.82 22.64
CA GLU A 180 19.46 9.18 22.99
C GLU A 180 19.36 10.01 24.27
N VAL A 181 20.51 10.41 24.83
CA VAL A 181 20.52 11.31 25.98
C VAL A 181 20.86 12.71 25.47
N CYS A 182 22.03 12.89 24.86
CA CYS A 182 22.46 14.23 24.44
C CYS A 182 22.17 14.55 22.98
N GLY A 183 21.75 13.56 22.20
CA GLY A 183 21.40 13.81 20.82
C GLY A 183 22.57 13.79 19.86
N ALA A 184 23.78 13.54 20.34
CA ALA A 184 24.94 13.55 19.45
C ALA A 184 24.84 12.43 18.42
N THR A 185 25.45 12.67 17.27
CA THR A 185 25.60 11.66 16.24
C THR A 185 27.09 11.46 15.96
N TYR A 186 27.46 10.23 15.63
CA TYR A 186 28.87 9.87 15.49
C TYR A 186 28.92 8.50 14.84
N SER A 187 30.08 8.16 14.30
CA SER A 187 30.29 6.79 13.87
C SER A 187 30.32 5.87 15.07
N PRO A 188 29.75 4.66 14.97
CA PRO A 188 29.86 3.72 16.09
C PRO A 188 31.29 3.39 16.47
N THR A 189 32.26 3.61 15.57
CA THR A 189 33.66 3.43 15.92
C THR A 189 34.14 4.44 16.96
N GLU A 190 33.34 5.46 17.26
CA GLU A 190 33.71 6.43 18.28
C GLU A 190 33.10 6.10 19.63
N LEU A 191 32.24 5.09 19.70
CA LEU A 191 31.70 4.70 21.00
C LEU A 191 32.83 4.27 21.93
N ILE A 192 32.69 4.64 23.21
CA ILE A 192 33.62 4.24 24.26
C ILE A 192 33.22 2.85 24.76
N GLU A 193 34.21 1.98 24.92
CA GLU A 193 33.98 0.62 25.40
C GLU A 193 32.84 -0.05 24.62
N PRO A 194 32.98 -0.17 23.31
CA PRO A 194 31.89 -0.75 22.51
C PRO A 194 31.70 -2.22 22.79
N LYS A 195 30.45 -2.66 22.66
CA LYS A 195 30.07 -4.04 22.87
C LYS A 195 29.16 -4.50 21.75
N SER A 196 29.31 -5.75 21.36
CA SER A 196 28.38 -6.36 20.42
C SER A 196 27.03 -6.56 21.13
N VAL A 197 25.96 -6.12 20.48
CA VAL A 197 24.62 -6.41 20.97
C VAL A 197 24.30 -7.90 20.89
N VAL A 198 24.99 -8.64 20.01
CA VAL A 198 24.69 -10.06 19.83
C VAL A 198 25.30 -10.89 20.94
N SER A 199 26.57 -10.64 21.28
CA SER A 199 27.32 -11.50 22.19
C SER A 199 27.88 -10.80 23.41
N GLY A 200 27.94 -9.48 23.43
CA GLY A 200 28.64 -8.76 24.46
C GLY A 200 30.14 -8.64 24.27
N ALA A 201 30.70 -9.27 23.24
CA ALA A 201 32.13 -9.16 22.99
C ALA A 201 32.49 -7.77 22.49
N THR A 202 33.73 -7.39 22.71
CA THR A 202 34.23 -6.13 22.17
C THR A 202 34.45 -6.28 20.67
N PRO A 203 33.81 -5.47 19.83
CA PRO A 203 34.06 -5.57 18.39
C PRO A 203 35.38 -4.92 18.01
N VAL A 204 35.89 -5.35 16.85
CA VAL A 204 37.13 -4.87 16.28
C VAL A 204 36.89 -4.56 14.81
N MET A 205 37.75 -3.71 14.25
CA MET A 205 37.64 -3.39 12.83
C MET A 205 38.26 -4.49 12.00
N ARG A 206 37.57 -4.90 10.94
CA ARG A 206 38.03 -5.98 10.08
C ARG A 206 37.70 -5.60 8.63
N ASP A 207 38.59 -5.99 7.72
CA ASP A 207 38.38 -5.73 6.29
C ASP A 207 37.53 -6.81 5.65
N SER A 208 36.81 -6.42 4.59
CA SER A 208 36.04 -7.36 3.81
C SER A 208 35.84 -6.80 2.40
N GLU A 209 35.95 -7.66 1.40
CA GLU A 209 35.65 -7.27 0.02
C GLU A 209 34.13 -7.18 -0.16
N HIS A 210 33.67 -6.06 -0.70
CA HIS A 210 32.27 -5.86 -1.02
C HIS A 210 32.08 -5.58 -2.51
N PHE A 211 30.88 -5.87 -2.98
CA PHE A 211 30.49 -5.64 -4.36
C PHE A 211 29.58 -4.43 -4.40
N PHE A 212 29.81 -3.54 -5.36
CA PHE A 212 29.11 -2.28 -5.44
C PHE A 212 28.45 -2.14 -6.81
N PHE A 213 27.21 -1.65 -6.79
CA PHE A 213 26.49 -1.30 -8.00
C PHE A 213 26.79 0.14 -8.38
N ASP A 214 27.17 0.35 -9.64
CA ASP A 214 27.63 1.66 -10.13
C ASP A 214 26.45 2.55 -10.52
N LEU A 215 25.68 2.92 -9.51
CA LEU A 215 24.56 3.84 -9.70
C LEU A 215 24.97 5.12 -10.42
N PRO A 216 26.13 5.73 -10.14
CA PRO A 216 26.46 6.98 -10.82
C PRO A 216 26.48 6.89 -12.33
N SER A 217 26.74 5.71 -12.91
CA SER A 217 26.72 5.60 -14.37
C SER A 217 25.33 5.87 -14.96
N PHE A 218 24.27 5.78 -14.16
CA PHE A 218 22.91 5.99 -14.62
C PHE A 218 22.39 7.40 -14.33
N SER A 219 23.27 8.31 -13.89
N SER A 219 23.27 8.30 -13.89
CA SER A 219 22.83 9.64 -13.48
CA SER A 219 22.84 9.64 -13.48
C SER A 219 22.05 10.36 -14.55
C SER A 219 22.04 10.34 -14.56
N GLU A 220 22.57 10.43 -15.77
CA GLU A 220 21.88 11.19 -16.81
CA GLU A 220 21.88 11.19 -16.81
C GLU A 220 20.51 10.58 -17.12
N MET A 221 20.44 9.25 -17.22
CA MET A 221 19.17 8.56 -17.44
CA MET A 221 19.17 8.59 -17.45
C MET A 221 18.18 8.91 -16.34
N LEU A 222 18.62 8.86 -15.08
CA LEU A 222 17.72 9.10 -13.97
C LEU A 222 17.30 10.57 -13.90
N GLN A 223 18.17 11.49 -14.28
CA GLN A 223 17.78 12.90 -14.30
CA GLN A 223 17.78 12.90 -14.30
C GLN A 223 16.72 13.16 -15.36
N ALA A 224 16.85 12.52 -16.52
CA ALA A 224 15.82 12.65 -17.55
C ALA A 224 14.52 12.04 -17.05
N TRP A 225 14.55 10.95 -16.32
N TRP A 225 14.63 10.85 -16.45
CA TRP A 225 13.26 10.46 -15.81
CA TRP A 225 13.51 10.06 -15.97
C TRP A 225 12.62 11.47 -14.87
C TRP A 225 12.79 10.80 -14.86
N THR A 226 13.42 12.10 -14.00
N THR A 226 13.53 11.55 -14.05
CA THR A 226 12.90 13.04 -13.02
CA THR A 226 12.92 12.40 -13.04
C THR A 226 12.23 14.23 -13.69
C THR A 226 12.01 13.46 -13.66
N ARG A 227 12.78 14.70 -14.81
N ARG A 227 12.34 13.90 -14.86
CA ARG A 227 12.28 15.86 -15.53
CA ARG A 227 11.54 14.88 -15.60
C ARG A 227 11.04 15.57 -16.38
C ARG A 227 10.58 14.23 -16.57
N SER A 228 10.66 14.31 -16.55
N SER A 228 10.50 12.90 -16.62
CA SER A 228 9.65 13.96 -17.55
CA SER A 228 9.77 12.23 -17.68
C SER A 228 8.25 14.38 -17.16
C SER A 228 8.27 12.13 -17.43
N GLY A 229 8.01 14.67 -15.87
N GLY A 229 7.81 12.43 -16.21
CA GLY A 229 6.69 15.05 -15.42
CA GLY A 229 6.44 12.21 -15.80
C GLY A 229 5.80 13.91 -14.98
C GLY A 229 6.24 11.03 -14.88
N ALA A 230 6.30 12.67 -15.01
N ALA A 230 7.25 10.18 -14.74
CA ALA A 230 5.49 11.55 -14.56
CA ALA A 230 7.12 9.01 -13.87
C ALA A 230 5.43 11.49 -13.03
C ALA A 230 6.93 9.38 -12.40
N LEU A 231 6.56 11.72 -12.38
N LEU A 231 7.36 10.58 -11.99
CA LEU A 231 6.63 11.56 -10.94
CA LEU A 231 7.36 10.94 -10.57
C LEU A 231 5.88 12.68 -10.24
C LEU A 231 6.49 12.14 -10.28
N GLN A 232 5.40 12.37 -9.05
N GLN A 232 5.94 12.18 -9.06
CA GLN A 232 4.86 13.41 -8.18
CA GLN A 232 5.19 13.32 -8.56
C GLN A 232 5.93 14.48 -8.02
C GLN A 232 6.11 14.52 -8.33
N GLU A 233 5.52 15.72 -8.26
CA GLU A 233 6.35 16.91 -8.08
C GLU A 233 7.19 16.85 -6.81
N GLN A 234 6.58 16.45 -5.68
CA GLN A 234 7.33 16.40 -4.43
C GLN A 234 8.44 15.35 -4.48
N VAL A 235 8.23 14.27 -5.23
CA VAL A 235 9.24 13.24 -5.36
C VAL A 235 10.35 13.72 -6.27
N ALA A 236 9.99 14.35 -7.38
CA ALA A 236 11.01 14.93 -8.24
C ALA A 236 11.88 15.93 -7.50
N ASN A 237 11.29 16.72 -6.61
CA ASN A 237 12.07 17.67 -5.82
C ASN A 237 13.07 16.96 -4.93
N LYS A 238 12.65 15.86 -4.29
CA LYS A 238 13.59 15.08 -3.47
C LYS A 238 14.72 14.53 -4.34
N MET A 239 14.39 14.02 -5.53
CA MET A 239 15.44 13.50 -6.38
CA MET A 239 15.42 13.52 -6.43
C MET A 239 16.45 14.58 -6.75
N GLN A 240 16.01 15.82 -6.97
CA GLN A 240 16.99 16.87 -7.27
C GLN A 240 17.95 17.07 -6.11
N GLU A 241 17.45 16.97 -4.87
CA GLU A 241 18.35 17.06 -3.71
C GLU A 241 19.36 15.94 -3.73
N TRP A 242 18.96 14.74 -4.13
CA TRP A 242 19.86 13.61 -4.13
C TRP A 242 20.90 13.73 -5.24
N PHE A 243 20.50 14.25 -6.40
CA PHE A 243 21.47 14.50 -7.46
C PHE A 243 22.47 15.56 -7.03
N GLU A 244 22.00 16.59 -6.31
CA GLU A 244 22.88 17.66 -5.83
CA GLU A 244 22.90 17.65 -5.85
C GLU A 244 23.88 17.13 -4.81
N SER A 245 23.43 16.26 -3.92
CA SER A 245 24.35 15.67 -2.94
C SER A 245 25.38 14.79 -3.63
N GLY A 246 25.00 14.16 -4.73
CA GLY A 246 25.90 13.30 -5.49
C GLY A 246 25.54 11.84 -5.35
N LEU A 247 25.25 11.17 -6.46
CA LEU A 247 25.02 9.73 -6.40
C LEU A 247 26.35 9.01 -6.12
N GLN A 248 26.24 7.91 -5.38
N GLN A 248 26.25 7.92 -5.36
CA GLN A 248 27.38 7.12 -4.97
CA GLN A 248 27.41 7.12 -5.01
C GLN A 248 27.17 5.67 -5.39
C GLN A 248 27.18 5.67 -5.39
N GLN A 249 28.27 4.93 -5.48
CA GLN A 249 28.18 3.49 -5.67
C GLN A 249 27.48 2.87 -4.46
N TRP A 250 26.74 1.80 -4.70
CA TRP A 250 25.84 1.20 -3.71
C TRP A 250 26.38 -0.17 -3.32
N ASP A 251 26.63 -0.37 -2.03
CA ASP A 251 27.16 -1.62 -1.48
C ASP A 251 26.02 -2.64 -1.45
N ILE A 252 26.10 -3.64 -2.31
CA ILE A 252 25.03 -4.62 -2.49
C ILE A 252 25.41 -6.00 -1.99
N SER A 253 26.49 -6.15 -1.23
CA SER A 253 26.86 -7.43 -0.67
C SER A 253 26.96 -7.39 0.86
N ARG A 254 26.71 -8.54 1.47
CA ARG A 254 26.89 -8.74 2.90
C ARG A 254 27.56 -10.09 3.14
N ASP A 255 28.43 -10.12 4.12
CA ASP A 255 29.16 -11.34 4.46
C ASP A 255 28.32 -12.33 5.26
N ALA A 256 28.64 -13.61 5.10
CA ALA A 256 28.10 -14.62 5.99
C ALA A 256 28.52 -14.30 7.42
N PRO A 257 27.70 -14.66 8.43
CA PRO A 257 26.40 -15.33 8.32
C PRO A 257 25.30 -14.37 7.89
N TYR A 258 24.44 -14.81 7.00
CA TYR A 258 23.37 -13.96 6.49
C TYR A 258 22.23 -14.86 6.07
N PHE A 259 21.00 -14.35 6.17
CA PHE A 259 19.84 -15.03 5.66
C PHE A 259 19.44 -14.34 4.36
N GLY A 260 19.78 -14.96 3.25
CA GLY A 260 19.55 -14.35 1.95
C GLY A 260 20.14 -15.22 0.87
N PHE A 261 20.37 -14.62 -0.29
CA PHE A 261 20.85 -15.34 -1.46
C PHE A 261 22.36 -15.21 -1.60
N GLU A 262 23.05 -16.35 -1.74
N GLU A 262 23.02 -16.34 -1.78
CA GLU A 262 24.50 -16.33 -1.91
CA GLU A 262 24.46 -16.35 -1.97
C GLU A 262 24.87 -15.85 -3.32
C GLU A 262 24.80 -15.76 -3.34
N ILE A 263 25.91 -15.06 -3.41
CA ILE A 263 26.35 -14.46 -4.67
C ILE A 263 27.10 -15.51 -5.50
N PRO A 264 26.71 -15.74 -6.74
CA PRO A 264 27.45 -16.70 -7.56
C PRO A 264 28.91 -16.33 -7.68
N ASN A 265 29.76 -17.35 -7.58
CA ASN A 265 31.20 -17.23 -7.71
C ASN A 265 31.86 -16.46 -6.59
N ALA A 266 31.14 -16.18 -5.50
CA ALA A 266 31.68 -15.39 -4.39
C ALA A 266 31.35 -16.07 -3.07
N PRO A 267 32.02 -17.17 -2.76
CA PRO A 267 31.75 -17.88 -1.51
C PRO A 267 31.79 -16.98 -0.29
N GLY A 268 30.80 -17.16 0.59
CA GLY A 268 30.72 -16.40 1.82
C GLY A 268 30.12 -15.03 1.65
N LYS A 269 29.70 -14.66 0.44
CA LYS A 269 29.08 -13.37 0.17
C LYS A 269 27.62 -13.58 -0.24
N TYR A 270 26.76 -12.65 0.22
CA TYR A 270 25.34 -12.69 -0.06
C TYR A 270 24.88 -11.35 -0.62
N PHE A 271 23.79 -11.38 -1.39
CA PHE A 271 23.19 -10.11 -1.79
C PHE A 271 22.54 -9.43 -0.60
N TYR A 272 22.83 -8.14 -0.44
CA TYR A 272 22.11 -7.32 0.51
C TYR A 272 20.60 -7.41 0.25
N VAL A 273 19.81 -7.43 1.33
CA VAL A 273 18.37 -7.58 1.21
C VAL A 273 17.79 -6.59 0.21
N TRP A 274 18.21 -5.33 0.27
CA TRP A 274 17.59 -4.33 -0.58
C TRP A 274 17.91 -4.52 -2.07
N LEU A 275 18.93 -5.30 -2.43
CA LEU A 275 19.12 -5.65 -3.83
C LEU A 275 18.02 -6.62 -4.29
N ASP A 276 17.78 -7.67 -3.49
CA ASP A 276 16.82 -8.69 -3.89
C ASP A 276 15.37 -8.27 -3.65
N ALA A 277 15.13 -7.29 -2.78
CA ALA A 277 13.75 -7.01 -2.38
C ALA A 277 12.91 -6.50 -3.54
N PRO A 278 13.30 -5.45 -4.28
CA PRO A 278 12.45 -5.07 -5.44
C PRO A 278 12.43 -6.12 -6.53
N ILE A 279 13.48 -6.92 -6.67
CA ILE A 279 13.42 -8.04 -7.62
C ILE A 279 12.28 -8.97 -7.22
N GLY A 280 11.94 -8.97 -5.93
CA GLY A 280 10.80 -9.73 -5.47
C GLY A 280 9.47 -9.37 -6.10
N TYR A 281 9.34 -8.14 -6.60
CA TYR A 281 8.16 -7.81 -7.40
C TYR A 281 8.12 -8.68 -8.64
N MET A 282 9.26 -8.81 -9.31
CA MET A 282 9.36 -9.67 -10.49
C MET A 282 9.18 -11.13 -10.11
N GLY A 283 9.78 -11.54 -8.99
CA GLY A 283 9.65 -12.92 -8.57
C GLY A 283 8.22 -13.29 -8.27
N SER A 284 7.47 -12.36 -7.68
CA SER A 284 6.08 -12.65 -7.36
C SER A 284 5.24 -12.76 -8.62
N PHE A 285 5.51 -11.90 -9.60
CA PHE A 285 4.78 -12.01 -10.87
C PHE A 285 5.16 -13.28 -11.61
N LYS A 286 6.45 -13.62 -11.61
CA LYS A 286 6.84 -14.88 -12.25
C LYS A 286 6.14 -16.06 -11.59
N ASN A 287 6.11 -16.07 -10.26
CA ASN A 287 5.42 -17.13 -9.54
C ASN A 287 3.97 -17.22 -9.97
N LEU A 288 3.29 -16.08 -10.11
CA LEU A 288 1.89 -16.06 -10.53
C LEU A 288 1.74 -16.65 -11.93
N CYS A 289 2.57 -16.19 -12.86
CA CYS A 289 2.51 -16.71 -14.22
C CYS A 289 2.76 -18.21 -14.23
N ASP A 290 3.76 -18.67 -13.48
CA ASP A 290 4.09 -20.09 -13.50
C ASP A 290 2.95 -20.92 -12.93
N LYS A 291 2.34 -20.45 -11.84
CA LYS A 291 1.22 -21.21 -11.26
C LYS A 291 0.03 -21.27 -12.20
N ARG A 292 -0.17 -20.24 -13.02
CA ARG A 292 -1.25 -20.21 -13.98
C ARG A 292 -0.92 -21.00 -15.24
N GLY A 293 0.31 -21.49 -15.37
CA GLY A 293 0.71 -22.11 -16.63
C GLY A 293 0.85 -21.15 -17.78
N ASP A 294 1.12 -19.89 -17.48
CA ASP A 294 1.16 -18.81 -18.46
C ASP A 294 2.62 -18.56 -18.80
N SER A 295 3.02 -18.95 -20.02
CA SER A 295 4.40 -18.86 -20.45
C SER A 295 4.72 -17.59 -21.22
N VAL A 296 3.76 -16.67 -21.36
CA VAL A 296 3.99 -15.47 -22.17
C VAL A 296 3.96 -14.17 -21.38
N SER A 297 3.17 -14.13 -20.28
CA SER A 297 2.91 -12.83 -19.67
C SER A 297 4.13 -12.23 -18.96
N PHE A 298 5.02 -13.04 -18.40
CA PHE A 298 6.15 -12.44 -17.70
C PHE A 298 6.95 -11.54 -18.64
N ASP A 299 7.35 -12.08 -19.80
CA ASP A 299 8.09 -11.25 -20.76
C ASP A 299 7.23 -10.12 -21.31
N GLU A 300 5.92 -10.33 -21.48
CA GLU A 300 5.07 -9.25 -21.98
C GLU A 300 5.09 -8.04 -21.04
N TYR A 301 5.20 -8.28 -19.74
CA TYR A 301 5.17 -7.19 -18.79
C TYR A 301 6.56 -6.63 -18.45
N TRP A 302 7.63 -7.42 -18.59
CA TRP A 302 8.94 -7.00 -18.08
C TRP A 302 10.01 -6.73 -19.15
N LYS A 303 9.77 -7.16 -20.39
N LYS A 303 9.80 -7.17 -20.39
CA LYS A 303 10.70 -6.85 -21.48
CA LYS A 303 10.80 -6.86 -21.40
C LYS A 303 10.75 -5.35 -21.74
C LYS A 303 10.75 -5.38 -21.77
N LYS A 304 11.86 -4.91 -22.33
CA LYS A 304 12.04 -3.47 -22.57
C LYS A 304 10.98 -2.90 -23.49
N ASP A 305 10.47 -3.70 -24.43
CA ASP A 305 9.47 -3.24 -25.38
C ASP A 305 8.04 -3.39 -24.87
N SER A 306 7.84 -3.58 -23.57
CA SER A 306 6.50 -3.85 -23.06
C SER A 306 5.55 -2.68 -23.31
N THR A 307 4.31 -3.02 -23.63
CA THR A 307 3.24 -2.02 -23.67
C THR A 307 2.38 -2.09 -22.41
N ALA A 308 2.73 -2.93 -21.45
CA ALA A 308 2.02 -2.98 -20.19
C ALA A 308 2.52 -1.83 -19.32
N GLU A 309 1.69 -1.45 -18.35
CA GLU A 309 2.00 -0.38 -17.41
C GLU A 309 2.40 -1.01 -16.07
N LEU A 310 3.41 -0.43 -15.43
CA LEU A 310 3.96 -0.93 -14.17
C LEU A 310 3.97 0.20 -13.15
N TYR A 311 3.30 -0.01 -12.02
CA TYR A 311 3.15 1.00 -10.99
C TYR A 311 3.53 0.41 -9.64
N HIS A 312 4.31 1.18 -8.88
CA HIS A 312 4.67 0.80 -7.51
C HIS A 312 4.09 1.83 -6.54
N PHE A 313 3.24 1.36 -5.62
CA PHE A 313 2.79 2.15 -4.48
C PHE A 313 3.79 1.94 -3.34
N ILE A 314 4.32 3.06 -2.82
CA ILE A 314 5.36 3.02 -1.80
C ILE A 314 5.22 4.21 -0.87
N GLY A 315 5.88 4.12 0.29
CA GLY A 315 5.94 5.22 1.23
C GLY A 315 7.15 6.09 1.05
N LYS A 316 7.13 7.28 1.65
CA LYS A 316 8.18 8.25 1.37
C LYS A 316 9.54 7.87 1.98
N ASP A 317 9.59 6.87 2.88
CA ASP A 317 10.86 6.43 3.45
CA ASP A 317 10.84 6.43 3.46
C ASP A 317 11.66 5.53 2.52
N ILE A 318 11.06 5.02 1.45
CA ILE A 318 11.74 4.08 0.58
C ILE A 318 11.77 4.54 -0.86
N ILE A 319 11.67 5.86 -1.08
CA ILE A 319 11.72 6.40 -2.43
C ILE A 319 13.05 6.10 -3.09
N TYR A 320 14.16 6.34 -2.37
CA TYR A 320 15.50 6.25 -2.97
C TYR A 320 15.70 4.89 -3.66
N PHE A 321 15.28 3.81 -2.99
CA PHE A 321 15.48 2.48 -3.54
C PHE A 321 14.70 2.30 -4.83
N HIS A 322 13.50 2.87 -4.89
CA HIS A 322 12.59 2.68 -6.00
C HIS A 322 12.79 3.65 -7.14
N SER A 323 13.39 4.82 -6.87
CA SER A 323 13.52 5.86 -7.89
C SER A 323 14.93 6.02 -8.43
N LEU A 324 15.93 5.49 -7.73
CA LEU A 324 17.30 5.57 -8.17
C LEU A 324 17.86 4.17 -8.41
N PHE A 325 17.99 3.34 -7.36
CA PHE A 325 18.62 2.03 -7.55
C PHE A 325 17.83 1.17 -8.53
N TRP A 326 16.51 1.11 -8.35
CA TRP A 326 15.68 0.15 -9.06
C TRP A 326 15.59 0.42 -10.55
N PRO A 327 15.25 1.63 -11.00
CA PRO A 327 15.24 1.86 -12.46
C PRO A 327 16.61 1.64 -13.09
N ALA A 328 17.68 1.95 -12.35
CA ALA A 328 19.02 1.73 -12.87
C ALA A 328 19.30 0.23 -12.99
N MET A 329 18.95 -0.54 -11.96
CA MET A 329 19.13 -1.99 -12.03
C MET A 329 18.41 -2.57 -13.25
N LEU A 330 17.17 -2.15 -13.47
CA LEU A 330 16.38 -2.65 -14.58
C LEU A 330 17.00 -2.24 -15.92
N GLU A 331 17.32 -0.95 -16.07
CA GLU A 331 17.97 -0.52 -17.30
C GLU A 331 19.22 -1.34 -17.57
N GLY A 332 20.06 -1.52 -16.57
CA GLY A 332 21.32 -2.19 -16.79
C GLY A 332 21.22 -3.68 -16.99
N SER A 333 20.05 -4.26 -16.77
CA SER A 333 19.82 -5.69 -16.98
C SER A 333 18.79 -5.95 -18.08
N ASN A 334 18.48 -4.92 -18.87
CA ASN A 334 17.67 -5.07 -20.08
C ASN A 334 16.20 -5.37 -19.79
N PHE A 335 15.66 -4.78 -18.71
CA PHE A 335 14.26 -4.85 -18.38
C PHE A 335 13.65 -3.45 -18.47
N ARG A 336 12.33 -3.41 -18.65
CA ARG A 336 11.62 -2.14 -18.60
C ARG A 336 11.62 -1.56 -17.19
N LYS A 337 11.40 -0.25 -17.11
CA LYS A 337 11.38 0.49 -15.86
CA LYS A 337 11.39 0.47 -15.86
C LYS A 337 9.96 0.80 -15.46
N PRO A 338 9.73 1.20 -14.20
CA PRO A 338 8.37 1.56 -13.80
C PRO A 338 7.78 2.66 -14.67
N SER A 339 6.47 2.52 -14.93
CA SER A 339 5.74 3.62 -15.58
C SER A 339 5.63 4.80 -14.64
N ASN A 340 5.36 4.54 -13.37
N ASN A 340 5.30 4.54 -13.37
CA ASN A 340 5.32 5.60 -12.39
CA ASN A 340 5.21 5.59 -12.37
C ASN A 340 5.44 5.01 -11.00
C ASN A 340 5.52 4.98 -11.00
N LEU A 341 5.90 5.85 -10.07
CA LEU A 341 5.90 5.57 -8.66
C LEU A 341 4.79 6.41 -8.04
N PHE A 342 3.99 5.80 -7.19
CA PHE A 342 2.91 6.47 -6.48
C PHE A 342 3.29 6.46 -4.99
N VAL A 343 3.70 7.61 -4.48
CA VAL A 343 4.23 7.72 -3.13
C VAL A 343 3.19 8.35 -2.22
N HIS A 344 3.03 7.79 -1.02
CA HIS A 344 2.15 8.35 0.00
C HIS A 344 2.95 8.76 1.23
N GLY A 345 2.30 9.50 2.11
CA GLY A 345 2.91 9.97 3.34
C GLY A 345 2.75 8.98 4.48
N TYR A 346 3.10 9.43 5.67
CA TYR A 346 2.99 8.59 6.85
C TYR A 346 1.59 8.70 7.44
N VAL A 347 1.22 7.68 8.20
CA VAL A 347 -0.01 7.73 9.00
CA VAL A 347 -0.01 7.73 9.00
C VAL A 347 0.32 8.33 10.35
N THR A 348 -0.53 9.23 10.80
CA THR A 348 -0.51 9.72 12.16
C THR A 348 -1.83 9.32 12.80
N VAL A 349 -1.83 9.21 14.11
CA VAL A 349 -3.06 8.97 14.86
C VAL A 349 -3.21 10.11 15.84
N ASN A 350 -4.37 10.74 15.82
CA ASN A 350 -4.64 11.93 16.64
C ASN A 350 -3.57 13.00 16.45
N GLY A 351 -3.05 13.10 15.23
CA GLY A 351 -2.18 14.17 14.84
C GLY A 351 -0.71 13.88 15.02
N ALA A 352 -0.37 12.78 15.68
CA ALA A 352 1.00 12.48 16.06
C ALA A 352 1.41 11.10 15.54
N LYS A 353 2.73 10.92 15.37
CA LYS A 353 3.25 9.60 15.07
C LYS A 353 2.65 8.59 16.04
N MET A 354 2.36 7.38 15.53
CA MET A 354 1.83 6.34 16.39
C MET A 354 2.69 6.17 17.64
N SER A 355 2.04 5.97 18.77
CA SER A 355 2.66 5.99 20.09
C SER A 355 2.22 4.74 20.85
N LYS A 356 3.17 3.85 21.13
CA LYS A 356 2.85 2.66 21.90
CA LYS A 356 2.85 2.66 21.90
C LYS A 356 2.31 3.02 23.28
N SER A 357 2.92 4.00 23.95
CA SER A 357 2.49 4.32 25.31
C SER A 357 1.08 4.87 25.34
N ARG A 358 0.66 5.56 24.28
CA ARG A 358 -0.69 6.11 24.22
C ARG A 358 -1.69 5.16 23.61
N GLY A 359 -1.26 3.98 23.18
CA GLY A 359 -2.16 3.04 22.55
C GLY A 359 -2.55 3.40 21.13
N THR A 360 -1.77 4.23 20.45
CA THR A 360 -2.09 4.58 19.06
C THR A 360 -1.21 3.87 18.06
N PHE A 361 -0.31 3.00 18.52
CA PHE A 361 0.38 2.11 17.61
C PHE A 361 -0.50 0.87 17.48
N ILE A 362 -1.27 0.82 16.40
CA ILE A 362 -2.39 -0.09 16.26
C ILE A 362 -2.08 -1.10 15.17
N LYS A 363 -2.13 -2.37 15.54
CA LYS A 363 -1.96 -3.47 14.59
C LYS A 363 -3.23 -3.68 13.78
N ALA A 364 -3.05 -4.12 12.54
CA ALA A 364 -4.18 -4.42 11.68
C ALA A 364 -5.09 -5.47 12.32
N SER A 365 -4.50 -6.50 12.92
CA SER A 365 -5.31 -7.54 13.56
C SER A 365 -6.12 -6.98 14.72
N THR A 366 -5.51 -6.09 15.51
CA THR A 366 -6.26 -5.48 16.60
C THR A 366 -7.41 -4.65 16.09
N TRP A 367 -7.16 -3.86 15.04
CA TRP A 367 -8.23 -3.05 14.46
C TRP A 367 -9.47 -3.89 14.20
N LEU A 368 -9.31 -5.04 13.58
CA LEU A 368 -10.45 -5.83 13.15
C LEU A 368 -11.22 -6.45 14.32
N ASN A 369 -10.63 -6.50 15.53
CA ASN A 369 -11.39 -6.94 16.70
C ASN A 369 -12.42 -5.91 17.13
N HIS A 370 -12.25 -4.65 16.72
CA HIS A 370 -13.08 -3.55 17.18
C HIS A 370 -13.95 -2.94 16.10
N PHE A 371 -13.44 -2.85 14.88
CA PHE A 371 -14.12 -2.22 13.77
C PHE A 371 -14.03 -3.12 12.55
N ASP A 372 -14.87 -2.84 11.56
CA ASP A 372 -14.75 -3.55 10.29
C ASP A 372 -13.67 -2.91 9.43
N ALA A 373 -13.34 -3.61 8.34
CA ALA A 373 -12.35 -3.09 7.39
C ALA A 373 -12.88 -1.88 6.64
N ASP A 374 -14.16 -1.90 6.24
CA ASP A 374 -14.72 -0.84 5.42
C ASP A 374 -14.60 0.53 6.08
N SER A 375 -14.76 0.58 7.41
CA SER A 375 -14.69 1.86 8.11
C SER A 375 -13.34 2.53 7.90
N LEU A 376 -12.24 1.79 8.06
CA LEU A 376 -10.91 2.37 7.86
C LEU A 376 -10.64 2.63 6.39
N ARG A 377 -11.08 1.73 5.51
CA ARG A 377 -10.91 1.98 4.08
C ARG A 377 -11.58 3.30 3.70
N TYR A 378 -12.79 3.51 4.21
CA TYR A 378 -13.49 4.75 3.90
C TYR A 378 -12.73 5.96 4.42
N TYR A 379 -12.34 5.91 5.70
CA TYR A 379 -11.72 7.07 6.32
C TYR A 379 -10.43 7.45 5.60
N TYR A 380 -9.58 6.47 5.34
CA TYR A 380 -8.33 6.75 4.62
C TYR A 380 -8.61 7.30 3.24
N THR A 381 -9.56 6.68 2.52
CA THR A 381 -9.89 7.13 1.17
C THR A 381 -10.36 8.57 1.18
N ALA A 382 -11.14 8.96 2.19
CA ALA A 382 -11.65 10.32 2.25
C ALA A 382 -10.56 11.35 2.47
N LYS A 383 -9.40 10.93 3.01
CA LYS A 383 -8.29 11.82 3.28
C LYS A 383 -7.18 11.77 2.23
N LEU A 384 -7.15 10.75 1.39
CA LEU A 384 -6.02 10.54 0.50
C LEU A 384 -6.09 11.44 -0.72
N SER A 385 -4.91 11.76 -1.25
CA SER A 385 -4.79 12.57 -2.45
C SER A 385 -3.62 12.04 -3.25
N SER A 386 -3.28 12.75 -4.32
CA SER A 386 -2.17 12.39 -5.17
C SER A 386 -0.83 12.94 -4.68
N ARG A 387 -0.80 13.58 -3.52
N ARG A 387 -0.80 13.58 -3.51
CA ARG A 387 0.43 14.13 -2.95
CA ARG A 387 0.41 14.15 -2.95
C ARG A 387 0.98 13.21 -1.88
C ARG A 387 1.06 13.15 -1.99
N ILE A 388 2.18 13.55 -1.38
CA ILE A 388 2.88 12.70 -0.41
C ILE A 388 2.66 13.10 1.04
N ASP A 389 1.69 13.95 1.33
CA ASP A 389 1.47 14.44 2.67
C ASP A 389 0.91 13.36 3.61
N ASP A 390 1.17 13.54 4.90
CA ASP A 390 0.77 12.55 5.89
C ASP A 390 -0.74 12.52 6.00
N ILE A 391 -1.25 11.35 6.42
CA ILE A 391 -2.67 11.09 6.56
C ILE A 391 -2.96 10.88 8.02
N ASP A 392 -3.88 11.67 8.58
CA ASP A 392 -4.15 11.63 10.00
C ASP A 392 -5.43 10.85 10.27
N LEU A 393 -5.30 9.81 11.09
CA LEU A 393 -6.45 9.10 11.63
C LEU A 393 -6.79 9.75 12.97
N ASN A 394 -7.69 10.72 12.94
CA ASN A 394 -8.18 11.34 14.18
C ASN A 394 -9.36 10.49 14.64
N LEU A 395 -9.22 9.86 15.80
CA LEU A 395 -10.19 8.82 16.19
C LEU A 395 -11.57 9.39 16.47
N GLU A 396 -11.67 10.58 17.08
CA GLU A 396 -12.97 11.23 17.23
C GLU A 396 -13.60 11.52 15.88
N ASP A 397 -12.81 12.07 14.95
CA ASP A 397 -13.32 12.36 13.62
C ASP A 397 -13.72 11.10 12.88
N PHE A 398 -12.99 10.00 13.10
CA PHE A 398 -13.32 8.71 12.50
C PHE A 398 -14.75 8.28 12.85
N VAL A 399 -15.11 8.36 14.13
CA VAL A 399 -16.46 8.01 14.54
C VAL A 399 -17.46 8.93 13.88
N GLN A 400 -17.20 10.23 13.94
CA GLN A 400 -18.15 11.20 13.39
C GLN A 400 -18.33 11.01 11.89
N ARG A 401 -17.23 10.76 11.16
CA ARG A 401 -17.30 10.74 9.71
C ARG A 401 -17.93 9.45 9.21
N VAL A 402 -17.59 8.30 9.81
CA VAL A 402 -18.21 7.06 9.40
C VAL A 402 -19.72 7.13 9.63
N ASN A 403 -20.12 7.60 10.81
CA ASN A 403 -21.55 7.67 11.12
C ASN A 403 -22.25 8.66 10.20
N ALA A 404 -21.65 9.82 9.97
CA ALA A 404 -22.29 10.84 9.15
C ALA A 404 -22.41 10.42 7.69
N ASP A 405 -21.33 9.86 7.15
CA ASP A 405 -21.25 9.64 5.71
C ASP A 405 -21.76 8.27 5.30
N ILE A 406 -21.31 7.21 5.97
CA ILE A 406 -21.72 5.88 5.57
C ILE A 406 -23.12 5.57 6.07
N VAL A 407 -23.35 5.72 7.37
CA VAL A 407 -24.65 5.39 7.93
C VAL A 407 -25.70 6.39 7.52
N ASN A 408 -25.42 7.68 7.69
CA ASN A 408 -26.48 8.65 7.57
C ASN A 408 -26.68 9.28 6.21
N LYS A 409 -25.70 9.18 5.32
CA LYS A 409 -25.86 9.67 3.96
C LYS A 409 -26.10 8.52 3.00
N VAL A 410 -25.18 7.59 2.89
CA VAL A 410 -25.26 6.61 1.81
C VAL A 410 -26.20 5.46 2.16
N VAL A 411 -25.93 4.76 3.26
CA VAL A 411 -26.76 3.61 3.59
C VAL A 411 -28.18 4.05 3.90
N ASN A 412 -28.34 5.29 4.39
CA ASN A 412 -29.66 5.83 4.70
C ASN A 412 -30.58 5.80 3.50
N LEU A 413 -30.03 6.00 2.30
CA LEU A 413 -30.89 5.99 1.13
C LEU A 413 -31.50 4.62 0.88
N ALA A 414 -30.79 3.55 1.26
CA ALA A 414 -31.39 2.24 1.18
C ALA A 414 -32.30 1.99 2.37
N SER A 415 -31.80 2.26 3.59
CA SER A 415 -32.55 1.89 4.79
C SER A 415 -33.85 2.66 4.94
N ARG A 416 -33.92 3.90 4.48
CA ARG A 416 -35.14 4.68 4.68
C ARG A 416 -36.21 4.33 3.67
N ASN A 417 -35.86 3.64 2.59
CA ASN A 417 -36.75 3.38 1.47
C ASN A 417 -37.11 1.92 1.28
N ALA A 418 -36.21 0.99 1.65
CA ALA A 418 -36.42 -0.42 1.34
C ALA A 418 -37.57 -1.02 2.12
N GLY A 419 -37.83 -0.55 3.34
CA GLY A 419 -38.92 -1.12 4.14
C GLY A 419 -40.27 -0.99 3.47
N PHE A 420 -40.58 0.22 2.97
CA PHE A 420 -41.84 0.39 2.27
C PHE A 420 -41.93 -0.50 1.03
N ILE A 421 -40.85 -0.58 0.27
CA ILE A 421 -40.86 -1.40 -0.94
C ILE A 421 -41.15 -2.84 -0.58
N ASN A 422 -40.48 -3.36 0.44
CA ASN A 422 -40.66 -4.76 0.79
C ASN A 422 -42.03 -5.01 1.40
N LYS A 423 -42.52 -4.10 2.25
CA LYS A 423 -43.75 -4.38 3.00
C LYS A 423 -45.02 -4.06 2.22
N ARG A 424 -45.01 -3.02 1.38
N ARG A 424 -45.01 -3.02 1.39
CA ARG A 424 -46.22 -2.60 0.69
CA ARG A 424 -46.21 -2.61 0.69
C ARG A 424 -46.22 -2.87 -0.80
C ARG A 424 -46.24 -2.97 -0.78
N PHE A 425 -45.07 -3.18 -1.39
CA PHE A 425 -44.97 -3.39 -2.84
C PHE A 425 -44.32 -4.71 -3.19
N ASP A 426 -44.30 -5.67 -2.25
CA ASP A 426 -43.82 -7.02 -2.54
C ASP A 426 -42.37 -7.03 -3.04
N GLY A 427 -41.57 -6.05 -2.62
CA GLY A 427 -40.21 -5.96 -3.07
C GLY A 427 -39.99 -5.38 -4.46
N VAL A 428 -41.02 -4.90 -5.13
CA VAL A 428 -40.90 -4.53 -6.53
C VAL A 428 -40.75 -3.02 -6.69
N LEU A 429 -39.69 -2.61 -7.37
CA LEU A 429 -39.46 -1.21 -7.69
C LEU A 429 -40.36 -0.75 -8.84
N ALA A 430 -40.64 0.55 -8.83
CA ALA A 430 -41.49 1.19 -9.81
C ALA A 430 -40.99 0.94 -11.23
N SER A 431 -41.92 1.05 -12.17
CA SER A 431 -41.60 0.79 -13.58
C SER A 431 -40.94 1.96 -14.30
N GLU A 432 -40.93 3.16 -13.70
CA GLU A 432 -40.26 4.31 -14.28
C GLU A 432 -39.60 5.12 -13.16
N LEU A 433 -38.57 5.87 -13.53
CA LEU A 433 -37.93 6.78 -12.58
C LEU A 433 -38.86 7.97 -12.29
N ALA A 434 -38.99 8.29 -11.01
CA ALA A 434 -39.82 9.43 -10.63
C ALA A 434 -39.20 10.76 -11.07
N ASP A 435 -37.88 10.83 -11.08
CA ASP A 435 -37.17 12.07 -11.39
C ASP A 435 -36.00 11.74 -12.30
N PRO A 436 -36.27 11.57 -13.61
CA PRO A 436 -35.17 11.21 -14.52
C PRO A 436 -34.08 12.26 -14.63
N GLN A 437 -34.42 13.54 -14.48
N GLN A 437 -34.40 13.55 -14.45
CA GLN A 437 -33.40 14.58 -14.51
CA GLN A 437 -33.38 14.58 -14.55
C GLN A 437 -32.40 14.38 -13.39
C GLN A 437 -32.43 14.54 -13.36
N LEU A 438 -32.92 14.17 -12.17
CA LEU A 438 -32.02 13.98 -11.04
C LEU A 438 -31.16 12.74 -11.25
N TYR A 439 -31.75 11.68 -11.79
CA TYR A 439 -30.95 10.48 -12.05
C TYR A 439 -29.81 10.79 -13.00
N LYS A 440 -30.08 11.57 -14.05
CA LYS A 440 -29.05 11.94 -15.00
C LYS A 440 -27.95 12.78 -14.35
N THR A 441 -28.32 13.66 -13.41
CA THR A 441 -27.29 14.37 -12.66
C THR A 441 -26.34 13.38 -12.00
N PHE A 442 -26.88 12.29 -11.47
CA PHE A 442 -26.03 11.31 -10.79
C PHE A 442 -25.15 10.55 -11.78
N THR A 443 -25.70 10.12 -12.91
CA THR A 443 -24.89 9.36 -13.85
C THR A 443 -23.91 10.24 -14.61
N ASP A 444 -24.24 11.52 -14.79
CA ASP A 444 -23.33 12.45 -15.45
C ASP A 444 -22.06 12.67 -14.64
N ALA A 445 -22.11 12.43 -13.32
CA ALA A 445 -20.95 12.62 -12.46
C ALA A 445 -19.92 11.50 -12.61
N ALA A 446 -20.25 10.43 -13.33
CA ALA A 446 -19.34 9.29 -13.39
C ALA A 446 -17.98 9.69 -13.97
N GLU A 447 -17.98 10.55 -14.98
CA GLU A 447 -16.71 10.91 -15.61
C GLU A 447 -15.76 11.58 -14.62
N VAL A 448 -16.25 12.57 -13.87
CA VAL A 448 -15.38 13.27 -12.92
C VAL A 448 -14.98 12.37 -11.76
N ILE A 449 -15.90 11.55 -11.28
CA ILE A 449 -15.58 10.65 -10.17
C ILE A 449 -14.55 9.62 -10.61
N GLY A 450 -14.76 9.01 -11.77
CA GLY A 450 -13.79 8.05 -12.29
C GLY A 450 -12.43 8.67 -12.52
N GLU A 451 -12.39 9.91 -13.02
CA GLU A 451 -11.12 10.57 -13.21
C GLU A 451 -10.42 10.82 -11.87
N ALA A 452 -11.20 11.10 -10.83
CA ALA A 452 -10.62 11.27 -9.51
C ALA A 452 -10.05 9.97 -8.97
N TRP A 453 -10.75 8.85 -9.15
CA TRP A 453 -10.14 7.57 -8.74
C TRP A 453 -8.87 7.31 -9.54
N GLU A 454 -8.93 7.51 -10.87
CA GLU A 454 -7.80 7.23 -11.74
C GLU A 454 -6.58 8.03 -11.34
N SER A 455 -6.77 9.30 -11.03
CA SER A 455 -5.67 10.20 -10.71
C SER A 455 -5.24 10.13 -9.25
N ARG A 456 -5.87 9.26 -8.45
N ARG A 456 -5.85 9.24 -8.45
CA ARG A 456 -5.55 9.06 -7.04
CA ARG A 456 -5.54 9.06 -7.03
C ARG A 456 -6.00 10.23 -6.18
C ARG A 456 -6.00 10.23 -6.18
N GLU A 457 -6.89 11.09 -6.70
CA GLU A 457 -7.49 12.17 -5.93
C GLU A 457 -8.72 11.61 -5.22
N PHE A 458 -8.44 10.69 -4.29
CA PHE A 458 -9.50 9.95 -3.61
C PHE A 458 -10.40 10.88 -2.79
N GLY A 459 -9.81 11.84 -2.09
CA GLY A 459 -10.61 12.74 -1.30
C GLY A 459 -11.57 13.54 -2.16
N LYS A 460 -11.13 13.92 -3.36
CA LYS A 460 -12.02 14.62 -4.30
C LYS A 460 -13.17 13.71 -4.72
N ALA A 461 -12.88 12.46 -5.03
CA ALA A 461 -13.93 11.52 -5.40
C ALA A 461 -14.95 11.38 -4.29
N VAL A 462 -14.47 11.21 -3.06
CA VAL A 462 -15.39 11.06 -1.93
C VAL A 462 -16.23 12.32 -1.73
N ARG A 463 -15.62 13.51 -1.87
CA ARG A 463 -16.38 14.75 -1.74
C ARG A 463 -17.49 14.80 -2.78
N GLU A 464 -17.20 14.42 -4.02
N GLU A 464 -17.20 14.43 -4.03
CA GLU A 464 -18.23 14.45 -5.07
CA GLU A 464 -18.22 14.44 -5.06
C GLU A 464 -19.31 13.43 -4.78
C GLU A 464 -19.32 13.43 -4.74
N ILE A 465 -18.93 12.23 -4.32
CA ILE A 465 -19.92 11.21 -4.01
C ILE A 465 -20.83 11.68 -2.87
N MET A 466 -20.23 12.27 -1.83
CA MET A 466 -21.03 12.68 -0.68
C MET A 466 -21.90 13.88 -1.01
N ALA A 467 -21.46 14.74 -1.92
CA ALA A 467 -22.33 15.83 -2.36
C ALA A 467 -23.55 15.27 -3.08
N LEU A 468 -23.35 14.24 -3.89
CA LEU A 468 -24.48 13.56 -4.51
C LEU A 468 -25.38 12.91 -3.45
N ALA A 469 -24.77 12.27 -2.43
CA ALA A 469 -25.58 11.65 -1.39
C ALA A 469 -26.45 12.69 -0.68
N ASP A 470 -25.88 13.88 -0.45
CA ASP A 470 -26.66 14.96 0.14
C ASP A 470 -27.83 15.34 -0.76
N LEU A 471 -27.60 15.45 -2.08
N LEU A 471 -27.59 15.41 -2.07
CA LEU A 471 -28.70 15.74 -2.99
CA LEU A 471 -28.67 15.72 -3.01
C LEU A 471 -29.77 14.66 -2.92
C LEU A 471 -29.75 14.66 -3.01
N ALA A 472 -29.35 13.40 -2.88
CA ALA A 472 -30.30 12.29 -2.85
C ALA A 472 -31.17 12.36 -1.60
N ASN A 473 -30.56 12.62 -0.46
CA ASN A 473 -31.32 12.72 0.77
C ASN A 473 -32.21 13.95 0.79
N ARG A 474 -31.78 15.04 0.12
CA ARG A 474 -32.64 16.20 0.00
C ARG A 474 -33.86 15.89 -0.86
N TYR A 475 -33.66 15.13 -1.95
CA TYR A 475 -34.80 14.69 -2.75
C TYR A 475 -35.79 13.91 -1.91
N VAL A 476 -35.32 12.94 -1.12
CA VAL A 476 -36.24 12.16 -0.31
C VAL A 476 -36.95 13.03 0.72
N ASP A 477 -36.19 13.95 1.34
CA ASP A 477 -36.81 14.86 2.31
C ASP A 477 -37.90 15.70 1.65
N GLU A 478 -37.64 16.21 0.44
CA GLU A 478 -38.61 17.03 -0.26
C GLU A 478 -39.87 16.26 -0.61
N GLN A 479 -39.76 14.94 -0.83
CA GLN A 479 -40.93 14.15 -1.15
C GLN A 479 -41.65 13.63 0.09
N ALA A 480 -40.99 13.64 1.24
CA ALA A 480 -41.61 13.31 2.52
C ALA A 480 -42.34 11.97 2.53
N PRO A 481 -41.65 10.86 2.27
CA PRO A 481 -42.34 9.57 2.27
C PRO A 481 -42.99 9.22 3.60
N TRP A 482 -42.47 9.72 4.74
CA TRP A 482 -43.09 9.47 6.04
C TRP A 482 -44.45 10.17 6.17
N VAL A 483 -44.72 11.15 5.31
CA VAL A 483 -46.06 11.74 5.18
C VAL A 483 -46.88 11.00 4.14
N VAL A 484 -46.32 10.79 2.96
CA VAL A 484 -47.04 10.12 1.88
C VAL A 484 -47.56 8.75 2.32
N ALA A 485 -46.77 8.06 3.14
CA ALA A 485 -47.11 6.70 3.53
C ALA A 485 -48.39 6.61 4.35
N LYS A 486 -48.76 7.66 5.08
CA LYS A 486 -49.95 7.62 5.91
C LYS A 486 -51.19 8.17 5.22
N GLN A 487 -51.07 8.62 3.97
CA GLN A 487 -52.16 9.35 3.30
C GLN A 487 -52.88 8.44 2.33
N GLU A 488 -54.20 8.43 2.41
CA GLU A 488 -55.01 7.52 1.62
C GLU A 488 -54.80 7.74 0.13
N GLY A 489 -54.68 6.63 -0.60
CA GLY A 489 -54.64 6.66 -2.05
C GLY A 489 -53.29 6.98 -2.65
N ARG A 490 -52.24 7.09 -1.84
CA ARG A 490 -50.95 7.56 -2.33
C ARG A 490 -49.92 6.43 -2.46
N ASP A 491 -50.38 5.18 -2.64
CA ASP A 491 -49.44 4.07 -2.74
C ASP A 491 -48.48 4.24 -3.91
N ALA A 492 -49.00 4.63 -5.09
CA ALA A 492 -48.14 4.77 -6.26
C ALA A 492 -47.06 5.81 -6.03
N ASP A 493 -47.43 6.95 -5.42
CA ASP A 493 -46.45 7.98 -5.10
C ASP A 493 -45.37 7.44 -4.17
N LEU A 494 -45.78 6.68 -3.15
CA LEU A 494 -44.81 6.14 -2.19
C LEU A 494 -43.83 5.21 -2.90
N GLN A 495 -44.36 4.28 -3.70
CA GLN A 495 -43.47 3.38 -4.44
C GLN A 495 -42.50 4.16 -5.33
N ALA A 496 -42.99 5.22 -5.99
CA ALA A 496 -42.16 6.02 -6.88
C ALA A 496 -41.02 6.68 -6.10
N ILE A 497 -41.34 7.31 -4.96
CA ILE A 497 -40.33 8.00 -4.17
C ILE A 497 -39.28 7.01 -3.70
N CYS A 498 -39.72 5.91 -3.11
CA CYS A 498 -38.79 4.98 -2.51
C CYS A 498 -37.94 4.28 -3.57
N SER A 499 -38.53 3.98 -4.74
CA SER A 499 -37.75 3.39 -5.82
C SER A 499 -36.69 4.35 -6.33
N MET A 500 -37.03 5.64 -6.43
CA MET A 500 -36.07 6.64 -6.86
C MET A 500 -34.90 6.69 -5.90
N GLY A 501 -35.17 6.70 -4.61
CA GLY A 501 -34.10 6.72 -3.64
C GLY A 501 -33.19 5.51 -3.74
N ILE A 502 -33.78 4.34 -3.99
CA ILE A 502 -33.00 3.11 -4.13
C ILE A 502 -32.14 3.16 -5.38
N ASN A 503 -32.67 3.72 -6.48
CA ASN A 503 -31.84 3.86 -7.67
C ASN A 503 -30.68 4.82 -7.46
N LEU A 504 -30.89 5.89 -6.69
CA LEU A 504 -29.76 6.78 -6.38
C LEU A 504 -28.72 6.07 -5.52
N PHE A 505 -29.18 5.23 -4.59
CA PHE A 505 -28.28 4.39 -3.80
C PHE A 505 -27.47 3.45 -4.69
N ARG A 506 -28.12 2.84 -5.68
CA ARG A 506 -27.40 1.96 -6.62
C ARG A 506 -26.24 2.69 -7.26
N VAL A 507 -26.46 3.92 -7.72
CA VAL A 507 -25.39 4.67 -8.37
C VAL A 507 -24.27 5.00 -7.38
N LEU A 508 -24.64 5.49 -6.18
CA LEU A 508 -23.61 5.87 -5.21
C LEU A 508 -22.77 4.68 -4.80
N MET A 509 -23.39 3.51 -4.63
CA MET A 509 -22.64 2.34 -4.23
C MET A 509 -21.74 1.85 -5.36
N THR A 510 -22.10 2.13 -6.61
CA THR A 510 -21.19 1.82 -7.72
C THR A 510 -19.93 2.67 -7.62
N TYR A 511 -20.09 3.98 -7.38
CA TYR A 511 -18.94 4.85 -7.26
C TYR A 511 -18.08 4.48 -6.06
N LEU A 512 -18.67 3.93 -5.00
CA LEU A 512 -17.97 3.56 -3.79
C LEU A 512 -17.52 2.09 -3.79
N LYS A 513 -17.83 1.35 -4.83
CA LYS A 513 -17.50 -0.07 -4.86
C LYS A 513 -16.00 -0.32 -4.68
N PRO A 514 -15.10 0.49 -5.26
CA PRO A 514 -13.67 0.27 -4.98
C PRO A 514 -13.31 0.47 -3.52
N VAL A 515 -14.09 1.26 -2.79
CA VAL A 515 -13.74 1.68 -1.44
C VAL A 515 -14.25 0.71 -0.39
N LEU A 516 -15.46 0.19 -0.59
CA LEU A 516 -16.20 -0.51 0.46
C LEU A 516 -16.63 -1.88 -0.03
N PRO A 517 -15.71 -2.83 -0.12
CA PRO A 517 -16.07 -4.12 -0.74
C PRO A 517 -17.15 -4.89 0.01
N LYS A 518 -17.15 -4.90 1.35
CA LYS A 518 -18.13 -5.73 2.02
C LYS A 518 -19.51 -5.09 2.01
N LEU A 519 -19.58 -3.80 2.29
CA LEU A 519 -20.86 -3.10 2.12
C LEU A 519 -21.39 -3.28 0.71
N THR A 520 -20.51 -3.23 -0.29
CA THR A 520 -20.96 -3.40 -1.67
C THR A 520 -21.58 -4.78 -1.87
N GLU A 521 -20.97 -5.82 -1.30
CA GLU A 521 -21.56 -7.16 -1.40
C GLU A 521 -22.95 -7.19 -0.77
N ARG A 522 -23.12 -6.56 0.39
CA ARG A 522 -24.43 -6.52 1.01
C ARG A 522 -25.40 -5.72 0.16
N ALA A 523 -24.94 -4.61 -0.45
CA ALA A 523 -25.78 -3.83 -1.34
C ALA A 523 -26.20 -4.62 -2.56
N GLU A 524 -25.29 -5.40 -3.15
CA GLU A 524 -25.60 -6.21 -4.31
C GLU A 524 -26.60 -7.30 -3.98
N ALA A 525 -26.51 -7.89 -2.78
CA ALA A 525 -27.50 -8.86 -2.33
C ALA A 525 -28.88 -8.23 -2.22
N PHE A 526 -28.96 -7.04 -1.63
CA PHE A 526 -30.23 -6.34 -1.49
C PHE A 526 -30.81 -6.01 -2.86
N LEU A 527 -29.98 -5.48 -3.76
CA LEU A 527 -30.45 -5.01 -5.05
C LEU A 527 -30.65 -6.13 -6.06
N ASN A 528 -30.19 -7.35 -5.75
CA ASN A 528 -30.27 -8.47 -6.70
C ASN A 528 -29.52 -8.14 -8.00
N THR A 529 -28.39 -7.46 -7.89
CA THR A 529 -27.60 -7.18 -9.08
C THR A 529 -26.16 -6.90 -8.69
N GLU A 530 -25.25 -7.35 -9.53
CA GLU A 530 -23.86 -6.92 -9.46
C GLU A 530 -23.79 -5.48 -9.91
N LEU A 531 -22.96 -4.69 -9.25
CA LEU A 531 -22.77 -3.29 -9.61
C LEU A 531 -21.60 -3.17 -10.58
N THR A 532 -21.88 -2.70 -11.78
CA THR A 532 -20.85 -2.41 -12.77
C THR A 532 -20.84 -0.91 -13.07
N TRP A 533 -19.67 -0.43 -13.51
CA TRP A 533 -19.54 1.00 -13.80
C TRP A 533 -20.54 1.45 -14.87
N ASP A 534 -20.69 0.68 -15.94
CA ASP A 534 -21.59 1.07 -17.01
C ASP A 534 -23.06 0.77 -16.69
N GLY A 535 -23.30 -0.14 -15.75
CA GLY A 535 -24.66 -0.54 -15.42
C GLY A 535 -25.54 0.59 -14.94
N ILE A 536 -24.93 1.65 -14.38
CA ILE A 536 -25.73 2.75 -13.85
C ILE A 536 -26.56 3.41 -14.93
N GLN A 537 -26.20 3.23 -16.20
CA GLN A 537 -26.99 3.81 -17.29
C GLN A 537 -28.33 3.12 -17.48
N GLN A 538 -28.54 1.96 -16.86
CA GLN A 538 -29.82 1.25 -16.89
C GLN A 538 -30.36 1.20 -15.46
N PRO A 539 -31.25 2.11 -15.05
CA PRO A 539 -31.80 2.02 -13.70
C PRO A 539 -32.59 0.75 -13.51
N LEU A 540 -32.76 0.39 -12.25
CA LEU A 540 -33.56 -0.78 -11.86
C LEU A 540 -35.04 -0.40 -11.90
N LEU A 541 -35.77 -0.98 -12.86
CA LEU A 541 -37.18 -0.70 -13.09
C LEU A 541 -37.94 -2.00 -13.11
N GLY A 542 -39.09 -2.04 -12.44
CA GLY A 542 -39.88 -3.26 -12.44
C GLY A 542 -39.08 -4.44 -11.98
N HIS A 543 -38.38 -4.26 -10.87
CA HIS A 543 -37.26 -5.09 -10.46
C HIS A 543 -37.40 -5.44 -8.98
N LYS A 544 -37.22 -6.71 -8.67
CA LYS A 544 -37.38 -7.21 -7.31
C LYS A 544 -36.10 -7.04 -6.50
N VAL A 545 -36.22 -6.42 -5.33
CA VAL A 545 -35.15 -6.31 -4.36
C VAL A 545 -35.47 -7.23 -3.19
N ASN A 546 -34.46 -7.50 -2.38
CA ASN A 546 -34.58 -8.39 -1.23
C ASN A 546 -34.57 -7.63 0.08
N PRO A 547 -35.11 -8.23 1.14
CA PRO A 547 -35.02 -7.60 2.46
C PRO A 547 -33.60 -7.68 2.97
N PHE A 548 -33.29 -6.80 3.91
CA PHE A 548 -31.99 -6.89 4.56
C PHE A 548 -32.12 -6.49 6.02
N LYS A 549 -31.23 -7.05 6.82
CA LYS A 549 -30.93 -6.51 8.13
C LYS A 549 -29.90 -5.42 7.94
N ALA A 550 -29.73 -4.61 8.99
CA ALA A 550 -28.84 -3.47 8.97
C ALA A 550 -27.68 -3.65 8.00
N LEU A 551 -27.58 -2.77 7.01
CA LEU A 551 -26.46 -2.80 6.10
C LEU A 551 -25.20 -2.26 6.73
N TYR A 552 -25.32 -1.37 7.70
CA TYR A 552 -24.16 -0.72 8.30
C TYR A 552 -24.62 -0.03 9.58
N ASN A 553 -24.06 -0.43 10.73
CA ASN A 553 -24.44 0.15 12.01
C ASN A 553 -23.49 1.29 12.42
N ARG A 554 -23.98 2.13 13.33
CA ARG A 554 -23.19 3.23 13.87
C ARG A 554 -22.09 2.69 14.77
N ILE A 555 -21.01 3.47 14.88
CA ILE A 555 -19.93 3.22 15.81
C ILE A 555 -19.94 4.33 16.87
N ASP A 556 -19.13 4.15 17.92
CA ASP A 556 -19.09 5.14 18.98
C ASP A 556 -17.72 5.20 19.63
N MET A 557 -17.53 6.25 20.43
CA MET A 557 -16.24 6.52 21.07
C MET A 557 -15.89 5.49 22.13
N ARG A 558 -16.87 4.78 22.71
CA ARG A 558 -16.50 3.69 23.61
C ARG A 558 -15.70 2.62 22.87
N GLN A 559 -16.04 2.37 21.61
CA GLN A 559 -15.28 1.40 20.83
C GLN A 559 -13.87 1.91 20.56
N VAL A 560 -13.72 3.20 20.29
CA VAL A 560 -12.40 3.77 20.09
C VAL A 560 -11.58 3.63 21.37
N GLU A 561 -12.17 3.95 22.52
CA GLU A 561 -11.44 3.83 23.78
C GLU A 561 -10.99 2.39 24.00
N ALA A 562 -11.83 1.42 23.62
CA ALA A 562 -11.45 0.02 23.79
C ALA A 562 -10.28 -0.34 22.88
N LEU A 563 -10.28 0.21 21.66
CA LEU A 563 -9.21 -0.07 20.71
C LEU A 563 -7.90 0.44 21.24
N VAL A 564 -7.89 1.68 21.75
CA VAL A 564 -6.67 2.26 22.29
C VAL A 564 -6.19 1.49 23.51
N GLU A 565 -7.11 1.13 24.41
CA GLU A 565 -6.71 0.37 25.59
C GLU A 565 -6.12 -0.98 25.20
N ALA A 566 -6.71 -1.64 24.20
CA ALA A 566 -6.23 -2.94 23.77
C ALA A 566 -4.87 -2.84 23.09
N SER A 567 -4.49 -1.67 22.62
CA SER A 567 -3.23 -1.49 21.91
C SER A 567 -2.09 -1.07 22.83
N LYS A 568 -2.37 -0.74 24.08
CA LYS A 568 -1.33 -0.32 25.01
C LYS A 568 -0.51 -1.51 25.47
ZN ZN B . 25.53 11.55 24.47
N MET C . 10.55 -4.28 3.31
CA MET C . 10.78 -2.89 2.91
C MET C . 10.15 -1.92 3.89
O MET C . 10.49 -0.74 3.93
CB MET C . 10.16 -2.60 1.55
CG MET C . 10.71 -3.41 0.40
SD MET C . 9.89 -2.90 -1.12
CE MET C . 10.79 -3.84 -2.35
OXT MET C . 9.27 -2.34 4.64
HA MET C . 11.74 -2.76 2.87
HB2 MET C . 9.22 -2.78 1.62
HB3 MET C . 10.31 -1.66 1.34
HG2 MET C . 11.66 -3.25 0.32
HG3 MET C . 10.54 -4.35 0.56
HE1 MET C . 10.42 -3.64 -3.24
HE2 MET C . 11.72 -3.59 -2.32
HE3 MET C . 10.68 -4.79 -2.16
C1 CIT D . 26.28 -19.56 15.21
O1 CIT D . 25.94 -19.66 14.00
O2 CIT D . 26.80 -18.49 15.62
C2 CIT D . 26.07 -20.72 16.14
C3 CIT D . 24.71 -20.65 16.82
O7 CIT D . 24.54 -19.35 17.46
C4 CIT D . 23.55 -20.87 15.86
C5 CIT D . 22.29 -20.29 16.46
O3 CIT D . 22.36 -19.45 17.39
O4 CIT D . 21.17 -20.64 16.05
C6 CIT D . 24.69 -21.75 17.87
O5 CIT D . 24.28 -22.90 17.58
O6 CIT D . 25.12 -21.53 19.02
H21 CIT D . 26.15 -21.65 15.59
H22 CIT D . 26.85 -20.71 16.90
HO7 CIT D . 24.45 -19.48 18.43
H41 CIT D . 23.42 -21.94 15.66
H42 CIT D . 23.77 -20.38 14.90
C1 CIT E . 19.60 -2.56 10.18
O1 CIT E . 20.46 -2.90 11.03
O2 CIT E . 18.39 -2.84 10.39
C2 CIT E . 20.02 -1.83 8.92
C3 CIT E . 21.26 -2.39 8.23
O7 CIT E . 22.46 -1.77 8.79
C4 CIT E . 21.41 -3.92 8.25
C5 CIT E . 22.54 -4.37 7.34
O3 CIT E . 22.70 -5.59 7.01
O4 CIT E . 23.34 -3.53 6.88
C6 CIT E . 21.09 -1.96 6.79
O5 CIT E . 21.91 -1.16 6.27
O6 CIT E . 20.12 -2.39 6.13
H21 CIT E . 19.19 -1.87 8.23
H22 CIT E . 20.20 -0.79 9.18
HO7 CIT E . 22.87 -1.20 8.11
H41 CIT E . 21.59 -4.25 9.27
H42 CIT E . 20.47 -4.37 7.92
C1 GOL F . -44.34 10.97 -6.42
O1 GOL F . -43.23 10.86 -7.24
C2 GOL F . -44.22 12.35 -5.79
O2 GOL F . -43.61 13.24 -6.65
C3 GOL F . -45.64 12.79 -5.42
O3 GOL F . -45.64 12.81 -4.03
H11 GOL F . -44.36 10.29 -5.73
H12 GOL F . -45.19 10.89 -6.89
HO1 GOL F . -43.19 11.59 -7.68
H2 GOL F . -43.68 12.30 -4.99
HO2 GOL F . -42.99 13.63 -6.23
H31 GOL F . -46.28 12.17 -5.80
H32 GOL F . -45.83 13.65 -5.82
HO3 GOL F . -45.17 13.47 -3.79
C1 GOL G . -46.26 16.94 1.86
O1 GOL G . -47.39 17.10 1.03
C2 GOL G . -45.05 16.72 0.96
O2 GOL G . -44.73 17.85 0.22
C3 GOL G . -45.42 15.49 0.10
O3 GOL G . -46.59 15.80 -0.63
H11 GOL G . -46.34 16.18 2.46
H12 GOL G . -46.10 17.70 2.43
HO1 GOL G . -47.27 17.83 0.60
H2 GOL G . -44.24 16.54 1.47
HO2 GOL G . -45.13 17.81 -0.53
H31 GOL G . -45.53 14.73 0.68
H32 GOL G . -44.66 15.27 -0.47
HO3 GOL G . -46.67 15.22 -1.25
C1 GOL H . -0.94 8.98 -13.40
O1 GOL H . 0.29 9.66 -13.56
C2 GOL H . -0.77 7.49 -13.80
O2 GOL H . -2.01 6.81 -13.87
C3 GOL H . -0.07 7.49 -15.16
O3 GOL H . 1.27 7.67 -14.92
H11 GOL H . -1.64 9.38 -13.94
H12 GOL H . -1.26 9.03 -12.48
HO1 GOL H . 0.82 9.34 -12.97
H2 GOL H . -0.24 7.04 -13.12
HO2 GOL H . -2.45 7.00 -13.18
H31 GOL H . -0.47 8.20 -15.71
H32 GOL H . -0.28 6.66 -15.62
HO3 GOL H . 1.64 7.83 -15.68
C1 GOL I . 15.07 -20.33 -3.01
O1 GOL I . 16.43 -20.54 -2.92
C2 GOL I . 14.54 -20.43 -1.59
O2 GOL I . 15.40 -21.20 -0.82
C3 GOL I . 13.13 -21.06 -1.69
O3 GOL I . 12.84 -21.57 -0.43
H11 GOL I . 14.62 -20.98 -3.58
H12 GOL I . 14.84 -19.46 -3.39
HO1 GOL I . 16.55 -21.15 -2.34
H2 GOL I . 14.48 -19.56 -1.18
HO2 GOL I . 14.92 -21.67 -0.30
H31 GOL I . 13.13 -21.73 -2.39
H32 GOL I . 12.51 -20.39 -2.00
HO3 GOL I . 12.08 -21.93 -0.48
#